data_1V5G
#
_entry.id   1V5G
#
_cell.length_a   78.010
_cell.length_b   105.500
_cell.length_c   155.850
_cell.angle_alpha   90.00
_cell.angle_beta   90.00
_cell.angle_gamma   90.00
#
_symmetry.space_group_name_H-M   'I 2 2 2'
#
loop_
_entity.id
_entity.type
_entity.pdbx_description
1 polymer 'Pyruvate oxidase'
2 non-polymer 'MAGNESIUM ION'
3 non-polymer 'FLAVIN-ADENINE DINUCLEOTIDE'
4 non-polymer '2-ACETYL-THIAMINE DIPHOSPHATE'
5 water water
#
_entity_poly.entity_id   1
_entity_poly.type   'polypeptide(L)'
_entity_poly.pdbx_seq_one_letter_code
;NKINIGLAVMKILESWGADTIYGIPSGTLSSLMDAMGEEENNVKFLQVKHEEVGAMAAVMQSKFGGNLGVTVGSGGPGAS
HLINGLYDAAMDNIPVVAILGSRPQRELNMDAFQELNQNPMYDHIAVYNRRVAYAEQLPKLVDEAARMAIAKRGVAVLEV
PGDFAKVEIDNDQWYSSANSLRKYAPIAPAAQDIDAAVELLNNSKRPVIYAGIGTMGHGPAVQELARKIKAPVITTGKNF
ETFEWDFEALTGSTYRVGWKPANETILEADTVLFAGSNFPFSEVEGTFRNVDNFIQIDIDPAMLGKRHHADVAILGDAAL
AIDEILNKVDAVEESAWWTANLKNIANWREYINMLETKEEGDLQFYQVYNAINNHADEDAIYSIDVGNSTQTSIRHLHMT
PKNMWRTSPLFATMGIAIPGGLGAKNTYPDRQVWNIIGDGAFSMTYPDVVTNVRYNMPVINVVFSNTEYAFIKNKYEDTN
KNLFGVDFTDVDYAKIAEAQGAKGFTVSRIEDMDRVMAEAVAANKAGHTVVIDCKITQDRPIPVETLKLDSKLYSEDEIK
AYKERYEAANLVPFREYLEAEGLESKYIK
;
_entity_poly.pdbx_strand_id   A
#
# COMPACT_ATOMS: atom_id res chain seq x y z
N ASN A 1 18.27 -10.95 -42.02
CA ASN A 1 19.20 -9.89 -41.52
C ASN A 1 18.46 -8.72 -40.89
N LYS A 2 17.16 -8.66 -41.09
CA LYS A 2 16.34 -7.59 -40.54
C LYS A 2 15.35 -8.11 -39.50
N ILE A 3 14.77 -7.18 -38.73
CA ILE A 3 13.82 -7.55 -37.69
C ILE A 3 12.71 -6.51 -37.58
N ASN A 4 11.51 -6.98 -37.24
CA ASN A 4 10.37 -6.09 -37.09
C ASN A 4 10.59 -5.24 -35.83
N ILE A 5 10.40 -3.94 -35.95
CA ILE A 5 10.58 -3.04 -34.81
C ILE A 5 9.77 -3.48 -33.59
N GLY A 6 8.58 -4.02 -33.85
CA GLY A 6 7.73 -4.48 -32.77
C GLY A 6 8.37 -5.64 -32.03
N LEU A 7 8.99 -6.56 -32.77
CA LEU A 7 9.64 -7.69 -32.13
C LEU A 7 10.88 -7.22 -31.35
N ALA A 8 11.53 -6.17 -31.86
CA ALA A 8 12.71 -5.65 -31.18
C ALA A 8 12.29 -5.08 -29.83
N VAL A 9 11.16 -4.39 -29.82
CA VAL A 9 10.63 -3.80 -28.59
C VAL A 9 10.32 -4.89 -27.56
N MET A 10 9.73 -5.98 -28.00
CA MET A 10 9.40 -7.07 -27.10
C MET A 10 10.67 -7.71 -26.54
N LYS A 11 11.69 -7.84 -27.38
CA LYS A 11 12.96 -8.43 -26.94
C LYS A 11 13.60 -7.55 -25.87
N ILE A 12 13.53 -6.23 -26.08
CA ILE A 12 14.08 -5.30 -25.11
C ILE A 12 13.30 -5.38 -23.80
N LEU A 13 11.98 -5.41 -23.88
CA LEU A 13 11.16 -5.49 -22.68
C LEU A 13 11.50 -6.77 -21.92
N GLU A 14 11.66 -7.86 -22.67
CA GLU A 14 11.98 -9.15 -22.08
C GLU A 14 13.33 -9.10 -21.35
N SER A 15 14.29 -8.39 -21.93
CA SER A 15 15.61 -8.28 -21.34
C SER A 15 15.58 -7.52 -20.02
N TRP A 16 14.61 -6.62 -19.86
CA TRP A 16 14.47 -5.87 -18.62
C TRP A 16 13.55 -6.56 -17.62
N GLY A 17 13.13 -7.78 -17.95
CA GLY A 17 12.27 -8.52 -17.08
C GLY A 17 10.81 -8.14 -17.16
N ALA A 18 10.50 -7.18 -18.02
CA ALA A 18 9.13 -6.72 -18.20
C ALA A 18 8.39 -7.68 -19.13
N ASP A 19 8.01 -8.84 -18.61
CA ASP A 19 7.33 -9.87 -19.39
C ASP A 19 5.80 -9.81 -19.40
N THR A 20 5.21 -8.76 -18.87
CA THR A 20 3.77 -8.64 -18.86
C THR A 20 3.31 -7.24 -19.19
N ILE A 21 2.42 -7.13 -20.17
CA ILE A 21 1.88 -5.85 -20.58
C ILE A 21 0.38 -5.86 -20.30
N TYR A 22 -0.09 -4.89 -19.52
CA TYR A 22 -1.50 -4.79 -19.18
C TYR A 22 -2.21 -3.74 -20.04
N GLY A 23 -3.44 -4.03 -20.45
CA GLY A 23 -4.17 -3.08 -21.25
C GLY A 23 -5.37 -3.61 -22.00
N ILE A 24 -5.78 -2.85 -23.01
CA ILE A 24 -6.92 -3.17 -23.87
C ILE A 24 -6.47 -2.91 -25.31
N PRO A 25 -6.74 -3.85 -26.23
CA PRO A 25 -6.35 -3.68 -27.63
C PRO A 25 -6.86 -2.39 -28.27
N SER A 26 -6.18 -1.95 -29.31
CA SER A 26 -6.56 -0.72 -30.01
C SER A 26 -5.93 -0.59 -31.39
N GLY A 27 -6.57 0.19 -32.25
CA GLY A 27 -6.03 0.38 -33.57
C GLY A 27 -4.70 1.10 -33.47
N THR A 28 -4.59 2.02 -32.51
CA THR A 28 -3.36 2.78 -32.31
C THR A 28 -2.26 1.98 -31.60
N LEU A 29 -2.55 0.72 -31.28
CA LEU A 29 -1.58 -0.16 -30.61
C LEU A 29 -1.43 -1.49 -31.35
N SER A 30 -2.17 -1.64 -32.44
CA SER A 30 -2.16 -2.87 -33.23
C SER A 30 -0.77 -3.40 -33.60
N SER A 31 0.07 -2.54 -34.16
CA SER A 31 1.41 -2.94 -34.56
C SER A 31 2.22 -3.55 -33.43
N LEU A 32 2.27 -2.87 -32.29
CA LEU A 32 3.02 -3.38 -31.15
C LEU A 32 2.55 -4.75 -30.70
N MET A 33 1.24 -4.88 -30.47
CA MET A 33 0.69 -6.15 -30.02
C MET A 33 0.80 -7.26 -31.05
N ASP A 34 0.64 -6.91 -32.31
CA ASP A 34 0.73 -7.89 -33.40
C ASP A 34 2.06 -8.64 -33.36
N ALA A 35 3.07 -7.99 -32.78
CA ALA A 35 4.41 -8.57 -32.68
C ALA A 35 4.62 -9.48 -31.47
N MET A 36 3.68 -9.45 -30.54
CA MET A 36 3.81 -10.27 -29.34
C MET A 36 3.71 -11.77 -29.59
N GLY A 37 4.72 -12.50 -29.11
CA GLY A 37 4.74 -13.95 -29.29
C GLY A 37 5.70 -14.48 -30.34
N GLU A 38 6.23 -13.59 -31.17
CA GLU A 38 7.16 -13.98 -32.23
C GLU A 38 8.46 -14.60 -31.70
N GLU A 39 9.33 -14.98 -32.63
CA GLU A 39 10.63 -15.58 -32.35
C GLU A 39 10.91 -16.00 -30.90
N GLU A 40 10.05 -16.84 -30.35
CA GLU A 40 10.18 -17.35 -28.98
C GLU A 40 10.09 -16.29 -27.89
N ASN A 41 9.63 -15.09 -28.24
CA ASN A 41 9.51 -14.02 -27.25
C ASN A 41 8.47 -14.43 -26.22
N ASN A 42 8.70 -14.08 -24.96
CA ASN A 42 7.77 -14.47 -23.90
C ASN A 42 7.04 -13.33 -23.20
N VAL A 43 6.87 -12.20 -23.88
CA VAL A 43 6.14 -11.07 -23.29
C VAL A 43 4.65 -11.31 -23.48
N LYS A 44 3.94 -11.51 -22.38
CA LYS A 44 2.51 -11.77 -22.48
C LYS A 44 1.63 -10.55 -22.28
N PHE A 45 0.43 -10.61 -22.84
CA PHE A 45 -0.53 -9.52 -22.75
C PHE A 45 -1.67 -9.93 -21.83
N LEU A 46 -1.95 -9.08 -20.84
CA LEU A 46 -3.02 -9.36 -19.91
C LEU A 46 -4.10 -8.31 -20.15
N GLN A 47 -5.20 -8.76 -20.73
CA GLN A 47 -6.31 -7.87 -21.07
C GLN A 47 -7.22 -7.54 -19.89
N VAL A 48 -7.36 -6.25 -19.60
CA VAL A 48 -8.23 -5.82 -18.51
C VAL A 48 -9.53 -5.29 -19.11
N LYS A 49 -10.48 -4.91 -18.26
CA LYS A 49 -11.75 -4.39 -18.76
C LYS A 49 -11.81 -2.86 -18.72
N HIS A 50 -10.89 -2.25 -17.99
CA HIS A 50 -10.79 -0.80 -17.90
C HIS A 50 -9.30 -0.52 -17.79
N GLU A 51 -8.78 0.35 -18.67
CA GLU A 51 -7.35 0.63 -18.67
C GLU A 51 -6.77 1.10 -17.33
N GLU A 52 -7.61 1.68 -16.47
CA GLU A 52 -7.07 2.14 -15.19
C GLU A 52 -6.67 0.94 -14.35
N VAL A 53 -7.40 -0.17 -14.51
CA VAL A 53 -7.08 -1.39 -13.77
C VAL A 53 -5.76 -1.98 -14.29
N GLY A 54 -5.51 -1.80 -15.58
CA GLY A 54 -4.28 -2.29 -16.16
C GLY A 54 -3.09 -1.49 -15.66
N ALA A 55 -3.24 -0.18 -15.62
CA ALA A 55 -2.18 0.71 -15.13
C ALA A 55 -1.88 0.42 -13.67
N MET A 56 -2.92 0.24 -12.86
CA MET A 56 -2.74 -0.03 -11.45
C MET A 56 -2.12 -1.41 -11.19
N ALA A 57 -2.44 -2.38 -12.04
CA ALA A 57 -1.90 -3.72 -11.88
C ALA A 57 -0.40 -3.70 -12.20
N ALA A 58 -0.03 -2.97 -13.24
CA ALA A 58 1.38 -2.88 -13.64
C ALA A 58 2.21 -2.28 -12.51
N VAL A 59 1.63 -1.31 -11.81
CA VAL A 59 2.30 -0.63 -10.72
C VAL A 59 2.37 -1.52 -9.48
N MET A 60 1.22 -2.07 -9.08
CA MET A 60 1.15 -2.94 -7.91
C MET A 60 2.07 -4.15 -8.09
N GLN A 61 2.31 -4.54 -9.34
CA GLN A 61 3.18 -5.67 -9.62
C GLN A 61 4.56 -5.43 -9.01
N SER A 62 5.08 -4.22 -9.17
CA SER A 62 6.37 -3.87 -8.61
C SER A 62 6.25 -3.70 -7.10
N LYS A 63 5.15 -3.10 -6.65
CA LYS A 63 4.97 -2.90 -5.22
C LYS A 63 5.08 -4.24 -4.49
N PHE A 64 4.54 -5.29 -5.09
CA PHE A 64 4.56 -6.61 -4.49
C PHE A 64 5.85 -7.38 -4.76
N GLY A 65 6.87 -6.67 -5.25
CA GLY A 65 8.15 -7.30 -5.51
C GLY A 65 8.29 -8.02 -6.84
N GLY A 66 7.40 -7.72 -7.78
CA GLY A 66 7.46 -8.36 -9.09
C GLY A 66 8.32 -7.60 -10.08
N ASN A 67 8.24 -8.00 -11.35
CA ASN A 67 9.03 -7.39 -12.40
C ASN A 67 8.49 -6.03 -12.82
N LEU A 68 9.29 -5.29 -13.59
CA LEU A 68 8.89 -3.99 -14.08
C LEU A 68 7.61 -4.17 -14.90
N GLY A 69 6.59 -3.41 -14.55
CA GLY A 69 5.33 -3.54 -15.27
C GLY A 69 5.22 -2.57 -16.43
N VAL A 70 4.42 -2.98 -17.41
CA VAL A 70 4.18 -2.15 -18.59
C VAL A 70 2.67 -2.04 -18.77
N THR A 71 2.20 -0.83 -19.01
CA THR A 71 0.77 -0.61 -19.22
C THR A 71 0.55 0.16 -20.51
N VAL A 72 -0.48 -0.22 -21.26
CA VAL A 72 -0.76 0.45 -22.51
C VAL A 72 -2.14 1.10 -22.52
N GLY A 73 -2.23 2.26 -23.15
CA GLY A 73 -3.49 2.96 -23.26
C GLY A 73 -3.60 3.48 -24.68
N SER A 74 -4.72 3.19 -25.34
CA SER A 74 -4.92 3.63 -26.72
C SER A 74 -4.97 5.16 -26.79
N GLY A 75 -4.48 5.71 -27.90
CA GLY A 75 -4.45 7.15 -28.07
C GLY A 75 -5.72 7.85 -27.62
N GLY A 76 -5.55 8.86 -26.76
CA GLY A 76 -6.70 9.60 -26.28
C GLY A 76 -7.33 9.03 -25.03
N PRO A 77 -8.54 8.45 -25.14
CA PRO A 77 -9.27 7.86 -24.00
C PRO A 77 -8.63 6.67 -23.29
N GLY A 78 -7.88 5.85 -24.03
CA GLY A 78 -7.24 4.71 -23.41
C GLY A 78 -6.09 5.21 -22.54
N ALA A 79 -5.31 6.13 -23.09
CA ALA A 79 -4.18 6.71 -22.40
C ALA A 79 -4.62 7.51 -21.19
N SER A 80 -5.68 8.29 -21.32
CA SER A 80 -6.15 9.10 -20.18
C SER A 80 -6.67 8.23 -19.03
N HIS A 81 -7.16 7.04 -19.37
CA HIS A 81 -7.68 6.09 -18.39
C HIS A 81 -6.57 5.55 -17.49
N LEU A 82 -5.31 5.75 -17.88
CA LEU A 82 -4.20 5.26 -17.10
C LEU A 82 -3.88 6.14 -15.91
N ILE A 83 -4.38 7.36 -15.94
CA ILE A 83 -4.08 8.36 -14.91
C ILE A 83 -4.05 7.96 -13.44
N ASN A 84 -5.11 7.38 -12.90
CA ASN A 84 -5.08 7.02 -11.48
C ASN A 84 -3.97 6.05 -11.12
N GLY A 85 -3.64 5.16 -12.03
CA GLY A 85 -2.57 4.20 -11.78
C GLY A 85 -1.20 4.86 -11.87
N LEU A 86 -1.04 5.79 -12.79
CA LEU A 86 0.23 6.47 -12.97
C LEU A 86 0.52 7.47 -11.84
N TYR A 87 -0.52 8.16 -11.37
CA TYR A 87 -0.35 9.12 -10.29
C TYR A 87 0.01 8.38 -9.01
N ASP A 88 -0.54 7.18 -8.84
CA ASP A 88 -0.24 6.38 -7.66
C ASP A 88 1.24 5.99 -7.71
N ALA A 89 1.69 5.53 -8.88
CA ALA A 89 3.09 5.12 -9.03
C ALA A 89 4.02 6.30 -8.82
N ALA A 90 3.64 7.46 -9.33
CA ALA A 90 4.45 8.66 -9.19
C ALA A 90 4.64 9.07 -7.74
N MET A 91 3.53 9.11 -6.99
CA MET A 91 3.61 9.51 -5.60
C MET A 91 4.32 8.49 -4.72
N ASP A 92 4.22 7.21 -5.10
CA ASP A 92 4.87 6.13 -4.37
C ASP A 92 6.29 5.87 -4.87
N ASN A 93 6.68 6.57 -5.94
CA ASN A 93 8.00 6.38 -6.54
C ASN A 93 8.20 4.93 -6.97
N ILE A 94 7.24 4.40 -7.72
CA ILE A 94 7.31 3.03 -8.21
C ILE A 94 7.58 3.03 -9.71
N PRO A 95 8.55 2.22 -10.17
CA PRO A 95 8.86 2.18 -11.59
C PRO A 95 7.75 1.54 -12.41
N VAL A 96 7.43 2.15 -13.54
CA VAL A 96 6.41 1.62 -14.44
C VAL A 96 6.53 2.29 -15.79
N VAL A 97 6.40 1.50 -16.85
CA VAL A 97 6.48 2.02 -18.20
C VAL A 97 5.06 2.11 -18.76
N ALA A 98 4.71 3.29 -19.27
CA ALA A 98 3.40 3.52 -19.86
C ALA A 98 3.54 3.84 -21.33
N ILE A 99 2.88 3.05 -22.16
CA ILE A 99 2.93 3.28 -23.59
C ILE A 99 1.58 3.80 -24.05
N LEU A 100 1.60 5.01 -24.59
CA LEU A 100 0.41 5.66 -25.11
C LEU A 100 0.38 5.44 -26.61
N GLY A 101 -0.67 4.78 -27.10
CA GLY A 101 -0.79 4.58 -28.53
C GLY A 101 -1.17 5.90 -29.15
N SER A 102 -0.95 6.05 -30.45
CA SER A 102 -1.28 7.30 -31.13
C SER A 102 -1.62 7.07 -32.59
N ARG A 103 -2.25 8.06 -33.22
CA ARG A 103 -2.59 7.98 -34.62
C ARG A 103 -1.29 7.82 -35.39
N PRO A 104 -1.35 7.35 -36.64
CA PRO A 104 -0.12 7.19 -37.42
C PRO A 104 0.51 8.58 -37.56
N GLN A 105 1.81 8.63 -37.80
CA GLN A 105 2.52 9.90 -37.94
C GLN A 105 1.88 10.88 -38.93
N ARG A 106 1.45 10.39 -40.08
CA ARG A 106 0.85 11.27 -41.09
C ARG A 106 -0.37 12.04 -40.57
N GLU A 107 -1.06 11.48 -39.59
CA GLU A 107 -2.25 12.10 -39.03
C GLU A 107 -1.97 13.12 -37.93
N LEU A 108 -0.79 13.08 -37.34
CA LEU A 108 -0.46 14.00 -36.27
C LEU A 108 -0.57 15.46 -36.72
N ASN A 109 -1.17 16.29 -35.86
CA ASN A 109 -1.35 17.72 -36.10
C ASN A 109 -2.43 18.06 -37.14
N MET A 110 -3.06 17.04 -37.70
CA MET A 110 -4.08 17.27 -38.73
C MET A 110 -5.48 17.44 -38.16
N ASP A 111 -5.60 17.37 -36.83
CA ASP A 111 -6.89 17.46 -36.17
C ASP A 111 -7.75 16.34 -36.73
N ALA A 112 -7.17 15.14 -36.77
CA ALA A 112 -7.85 13.97 -37.28
C ALA A 112 -8.67 13.31 -36.17
N PHE A 113 -9.22 12.15 -36.48
CA PHE A 113 -10.02 11.42 -35.51
C PHE A 113 -9.20 10.94 -34.33
N GLN A 114 -9.67 11.27 -33.12
CA GLN A 114 -9.01 10.86 -31.90
C GLN A 114 -7.52 11.21 -31.95
N GLU A 115 -7.21 12.34 -32.58
CA GLU A 115 -5.84 12.79 -32.72
C GLU A 115 -5.58 14.04 -31.89
N LEU A 116 -4.68 13.92 -30.92
CA LEU A 116 -4.37 15.03 -30.04
C LEU A 116 -2.95 14.93 -29.50
N ASN A 117 -2.48 16.02 -28.93
CA ASN A 117 -1.15 16.09 -28.35
C ASN A 117 -1.26 15.54 -26.92
N GLN A 118 -0.73 14.34 -26.71
CA GLN A 118 -0.79 13.70 -25.41
C GLN A 118 0.44 13.96 -24.54
N ASN A 119 1.37 14.76 -25.05
CA ASN A 119 2.58 15.04 -24.27
C ASN A 119 2.27 15.76 -22.96
N PRO A 120 1.30 16.69 -22.95
CA PRO A 120 0.98 17.39 -21.71
C PRO A 120 0.35 16.47 -20.66
N MET A 121 -0.41 15.48 -21.12
CA MET A 121 -1.12 14.56 -20.25
C MET A 121 -0.41 14.12 -18.97
N TYR A 122 0.82 13.61 -19.10
CA TYR A 122 1.54 13.14 -17.92
C TYR A 122 2.91 13.77 -17.70
N ASP A 123 3.17 14.92 -18.31
CA ASP A 123 4.47 15.56 -18.14
C ASP A 123 4.76 15.93 -16.69
N HIS A 124 3.74 16.37 -15.96
CA HIS A 124 3.95 16.78 -14.58
C HIS A 124 4.42 15.67 -13.63
N ILE A 125 3.93 14.45 -13.81
CA ILE A 125 4.31 13.37 -12.91
C ILE A 125 5.37 12.38 -13.42
N ALA A 126 5.67 12.43 -14.72
CA ALA A 126 6.64 11.48 -15.29
C ALA A 126 8.11 11.83 -15.11
N VAL A 127 8.95 10.79 -15.12
CA VAL A 127 10.39 10.99 -15.00
C VAL A 127 10.99 10.91 -16.41
N TYR A 128 10.14 10.53 -17.36
CA TYR A 128 10.52 10.40 -18.77
C TYR A 128 9.18 10.51 -19.52
N ASN A 129 9.10 11.43 -20.49
CA ASN A 129 7.85 11.63 -21.20
C ASN A 129 8.13 12.14 -22.61
N ARG A 130 8.15 11.22 -23.57
CA ARG A 130 8.45 11.59 -24.95
C ARG A 130 7.54 11.01 -26.03
N ARG A 131 7.44 11.73 -27.14
CA ARG A 131 6.66 11.28 -28.28
C ARG A 131 7.68 10.80 -29.31
N VAL A 132 7.64 9.50 -29.63
CA VAL A 132 8.56 8.93 -30.60
C VAL A 132 8.47 9.73 -31.91
N ALA A 133 9.61 10.23 -32.38
CA ALA A 133 9.67 11.06 -33.59
C ALA A 133 9.73 10.33 -34.93
N TYR A 134 10.14 9.07 -34.90
CA TYR A 134 10.23 8.24 -36.09
C TYR A 134 10.38 6.80 -35.65
N ALA A 135 9.92 5.88 -36.49
CA ALA A 135 9.95 4.45 -36.19
C ALA A 135 11.27 3.87 -35.71
N GLU A 136 12.35 4.17 -36.42
CA GLU A 136 13.65 3.62 -36.10
C GLU A 136 14.17 3.81 -34.67
N GLN A 137 13.72 4.87 -33.98
CA GLN A 137 14.19 5.09 -32.63
C GLN A 137 13.27 4.52 -31.55
N LEU A 138 12.19 3.85 -31.96
CA LEU A 138 11.27 3.29 -30.97
C LEU A 138 11.96 2.30 -30.02
N PRO A 139 12.78 1.38 -30.56
CA PRO A 139 13.47 0.41 -29.70
C PRO A 139 14.35 1.11 -28.65
N LYS A 140 15.14 2.07 -29.11
CA LYS A 140 16.04 2.80 -28.22
C LYS A 140 15.24 3.50 -27.12
N LEU A 141 14.10 4.09 -27.49
CA LEU A 141 13.29 4.79 -26.50
C LEU A 141 12.58 3.87 -25.51
N VAL A 142 12.22 2.67 -25.92
CA VAL A 142 11.58 1.73 -25.00
C VAL A 142 12.64 1.26 -24.01
N ASP A 143 13.83 1.00 -24.54
CA ASP A 143 14.95 0.57 -23.70
C ASP A 143 15.26 1.64 -22.66
N GLU A 144 15.34 2.89 -23.10
CA GLU A 144 15.63 3.98 -22.16
C GLU A 144 14.46 4.19 -21.20
N ALA A 145 13.25 3.98 -21.69
CA ALA A 145 12.08 4.15 -20.84
C ALA A 145 12.18 3.19 -19.66
N ALA A 146 12.56 1.94 -19.93
CA ALA A 146 12.72 0.94 -18.87
C ALA A 146 13.83 1.37 -17.92
N ARG A 147 15.00 1.67 -18.49
CA ARG A 147 16.15 2.10 -17.70
C ARG A 147 15.82 3.29 -16.79
N MET A 148 15.13 4.30 -17.33
CA MET A 148 14.78 5.49 -16.56
C MET A 148 13.72 5.25 -15.48
N ALA A 149 12.73 4.42 -15.80
CA ALA A 149 11.67 4.11 -14.83
C ALA A 149 12.32 3.48 -13.61
N ILE A 150 13.28 2.60 -13.86
CA ILE A 150 13.98 1.91 -12.78
C ILE A 150 14.95 2.82 -12.03
N ALA A 151 15.78 3.55 -12.77
CA ALA A 151 16.77 4.43 -12.14
C ALA A 151 16.13 5.60 -11.41
N LYS A 152 15.09 6.18 -11.99
CA LYS A 152 14.41 7.33 -11.37
C LYS A 152 13.27 6.90 -10.44
N ARG A 153 12.97 5.61 -10.39
CA ARG A 153 11.91 5.11 -9.54
C ARG A 153 10.62 5.88 -9.81
N GLY A 154 10.13 5.81 -11.04
CA GLY A 154 8.92 6.52 -11.40
C GLY A 154 8.30 6.10 -12.72
N VAL A 155 7.39 6.92 -13.21
CA VAL A 155 6.67 6.68 -14.45
C VAL A 155 7.38 7.16 -15.72
N ALA A 156 7.65 6.21 -16.62
CA ALA A 156 8.28 6.52 -17.92
C ALA A 156 7.18 6.42 -18.96
N VAL A 157 6.91 7.51 -19.65
CA VAL A 157 5.85 7.54 -20.65
C VAL A 157 6.32 7.75 -22.08
N LEU A 158 5.82 6.90 -22.98
CA LEU A 158 6.15 7.00 -24.40
C LEU A 158 4.88 7.06 -25.24
N GLU A 159 4.80 8.05 -26.12
CA GLU A 159 3.65 8.15 -27.02
C GLU A 159 4.16 7.56 -28.32
N VAL A 160 3.47 6.52 -28.80
CA VAL A 160 3.91 5.79 -30.00
C VAL A 160 2.97 5.73 -31.19
N PRO A 161 3.24 6.52 -32.24
CA PRO A 161 2.40 6.50 -33.44
C PRO A 161 2.20 5.05 -33.85
N GLY A 162 0.94 4.66 -34.09
CA GLY A 162 0.63 3.29 -34.43
C GLY A 162 1.30 2.62 -35.61
N ASP A 163 1.83 3.40 -36.54
CA ASP A 163 2.47 2.80 -37.71
C ASP A 163 3.96 2.45 -37.56
N PHE A 164 4.57 2.87 -36.46
CA PHE A 164 6.00 2.61 -36.26
C PHE A 164 6.42 1.15 -36.07
N ALA A 165 5.71 0.42 -35.21
CA ALA A 165 6.05 -0.98 -34.94
C ALA A 165 6.05 -1.90 -36.17
N LYS A 166 5.40 -1.49 -37.26
CA LYS A 166 5.36 -2.31 -38.47
C LYS A 166 6.65 -2.18 -39.27
N VAL A 167 7.34 -1.05 -39.10
CA VAL A 167 8.59 -0.81 -39.80
C VAL A 167 9.66 -1.86 -39.45
N GLU A 168 10.49 -2.17 -40.42
CA GLU A 168 11.55 -3.16 -40.25
C GLU A 168 12.92 -2.48 -40.21
N ILE A 169 13.87 -3.07 -39.47
CA ILE A 169 15.22 -2.52 -39.37
C ILE A 169 16.27 -3.64 -39.34
N ASP A 170 17.54 -3.26 -39.47
CA ASP A 170 18.62 -4.23 -39.41
C ASP A 170 18.77 -4.63 -37.96
N ASN A 171 19.00 -5.92 -37.71
CA ASN A 171 19.13 -6.41 -36.35
C ASN A 171 20.21 -5.70 -35.54
N ASP A 172 21.19 -5.12 -36.24
CA ASP A 172 22.29 -4.43 -35.58
C ASP A 172 21.96 -2.96 -35.26
N GLN A 173 20.74 -2.54 -35.58
CA GLN A 173 20.34 -1.16 -35.33
C GLN A 173 19.52 -0.98 -34.05
N TRP A 174 19.68 -1.91 -33.12
CA TRP A 174 18.99 -1.82 -31.84
C TRP A 174 19.77 -2.62 -30.81
N TYR A 175 19.61 -2.26 -29.54
CA TYR A 175 20.27 -2.96 -28.46
C TYR A 175 19.59 -2.63 -27.14
N SER A 176 19.75 -3.52 -26.17
CA SER A 176 19.19 -3.32 -24.85
C SER A 176 20.33 -2.97 -23.89
N SER A 177 20.07 -2.08 -22.95
CA SER A 177 21.09 -1.70 -21.98
C SER A 177 20.78 -2.40 -20.65
N ALA A 178 19.89 -3.38 -20.70
CA ALA A 178 19.50 -4.13 -19.50
C ALA A 178 20.70 -4.84 -18.90
N ASN A 179 21.65 -5.25 -19.74
CA ASN A 179 22.84 -5.96 -19.28
C ASN A 179 23.75 -5.06 -18.46
N SER A 180 23.56 -3.75 -18.59
CA SER A 180 24.37 -2.78 -17.85
C SER A 180 23.66 -2.29 -16.59
N LEU A 181 22.47 -2.82 -16.34
CA LEU A 181 21.71 -2.43 -15.16
C LEU A 181 22.57 -2.66 -13.92
N ARG A 182 22.69 -1.63 -13.10
CA ARG A 182 23.47 -1.73 -11.88
C ARG A 182 22.74 -0.92 -10.81
N LYS A 183 22.81 -1.39 -9.58
CA LYS A 183 22.18 -0.70 -8.47
C LYS A 183 23.15 -0.63 -7.32
N TYR A 184 23.02 0.40 -6.50
CA TYR A 184 23.90 0.58 -5.36
C TYR A 184 23.58 -0.36 -4.22
N ALA A 185 24.62 -0.89 -3.58
CA ALA A 185 24.44 -1.80 -2.46
C ALA A 185 24.12 -0.92 -1.25
N PRO A 186 23.51 -1.50 -0.20
CA PRO A 186 23.19 -0.70 0.98
C PRO A 186 24.42 0.08 1.44
N ILE A 187 24.25 1.37 1.72
CA ILE A 187 25.37 2.20 2.15
C ILE A 187 25.43 2.29 3.68
N ALA A 188 26.61 2.08 4.24
CA ALA A 188 26.79 2.16 5.69
C ALA A 188 26.72 3.62 6.13
N PRO A 189 26.18 3.88 7.33
CA PRO A 189 26.06 5.25 7.84
C PRO A 189 27.36 5.76 8.44
N ALA A 190 27.48 7.07 8.56
CA ALA A 190 28.67 7.70 9.14
C ALA A 190 28.69 7.39 10.63
N ALA A 191 29.80 6.84 11.10
CA ALA A 191 29.96 6.48 12.51
C ALA A 191 29.66 7.66 13.43
N GLN A 192 30.07 8.85 13.01
CA GLN A 192 29.85 10.06 13.79
C GLN A 192 28.37 10.28 14.07
N ASP A 193 27.53 9.99 13.08
CA ASP A 193 26.10 10.17 13.22
C ASP A 193 25.45 9.07 14.07
N ILE A 194 25.96 7.84 13.95
CA ILE A 194 25.44 6.75 14.74
C ILE A 194 25.73 7.02 16.21
N ASP A 195 26.94 7.50 16.49
CA ASP A 195 27.34 7.78 17.87
C ASP A 195 26.48 8.86 18.52
N ALA A 196 26.13 9.89 17.77
CA ALA A 196 25.30 10.98 18.28
C ALA A 196 23.91 10.43 18.61
N ALA A 197 23.45 9.48 17.81
CA ALA A 197 22.15 8.85 18.01
C ALA A 197 22.20 8.04 19.29
N VAL A 198 23.24 7.21 19.41
CA VAL A 198 23.41 6.36 20.57
C VAL A 198 23.41 7.17 21.87
N GLU A 199 24.16 8.26 21.88
CA GLU A 199 24.25 9.11 23.05
C GLU A 199 22.86 9.61 23.47
N LEU A 200 22.09 10.07 22.49
CA LEU A 200 20.74 10.57 22.76
C LEU A 200 19.81 9.47 23.27
N LEU A 201 19.90 8.30 22.67
CA LEU A 201 19.06 7.19 23.07
C LEU A 201 19.41 6.73 24.49
N ASN A 202 20.71 6.66 24.79
CA ASN A 202 21.18 6.25 26.12
C ASN A 202 20.63 7.19 27.20
N ASN A 203 20.66 8.49 26.91
CA ASN A 203 20.21 9.50 27.85
C ASN A 203 18.70 9.77 27.87
N SER A 204 17.96 9.19 26.93
CA SER A 204 16.52 9.40 26.86
C SER A 204 15.77 8.59 27.92
N LYS A 205 14.76 9.22 28.52
CA LYS A 205 13.96 8.57 29.54
C LYS A 205 12.71 7.93 28.91
N ARG A 206 12.31 8.43 27.74
CA ARG A 206 11.14 7.89 27.06
C ARG A 206 11.39 7.75 25.57
N PRO A 207 12.26 6.81 25.18
CA PRO A 207 12.54 6.63 23.76
C PRO A 207 11.41 5.91 23.05
N VAL A 208 11.30 6.13 21.75
CA VAL A 208 10.28 5.46 20.95
C VAL A 208 10.85 5.32 19.54
N ILE A 209 10.61 4.17 18.93
CA ILE A 209 11.09 3.91 17.59
C ILE A 209 9.89 4.04 16.64
N TYR A 210 9.99 4.95 15.68
CA TYR A 210 8.94 5.19 14.69
C TYR A 210 9.52 4.62 13.40
N ALA A 211 9.07 3.42 13.01
CA ALA A 211 9.59 2.75 11.83
C ALA A 211 8.73 2.79 10.57
N GLY A 212 9.33 3.27 9.49
CA GLY A 212 8.64 3.35 8.20
C GLY A 212 9.10 2.19 7.33
N ILE A 213 8.63 2.14 6.09
CA ILE A 213 9.00 1.04 5.21
C ILE A 213 10.48 0.94 4.89
N GLY A 214 11.26 1.93 5.32
CA GLY A 214 12.69 1.87 5.10
C GLY A 214 13.27 0.75 5.95
N THR A 215 12.51 0.32 6.95
CA THR A 215 12.95 -0.76 7.84
C THR A 215 12.50 -2.13 7.32
N MET A 216 11.82 -2.15 6.17
CA MET A 216 11.37 -3.41 5.58
C MET A 216 12.54 -4.39 5.48
N GLY A 217 12.30 -5.61 5.96
CA GLY A 217 13.33 -6.64 5.92
C GLY A 217 14.20 -6.66 7.17
N HIS A 218 13.97 -5.72 8.07
CA HIS A 218 14.77 -5.65 9.29
C HIS A 218 13.92 -5.56 10.55
N GLY A 219 12.70 -6.06 10.47
CA GLY A 219 11.81 -6.03 11.62
C GLY A 219 12.40 -6.72 12.84
N PRO A 220 13.00 -7.91 12.68
CA PRO A 220 13.58 -8.59 13.84
C PRO A 220 14.62 -7.71 14.54
N ALA A 221 15.43 -7.01 13.75
CA ALA A 221 16.46 -6.12 14.28
C ALA A 221 15.82 -4.96 15.04
N VAL A 222 14.72 -4.44 14.50
CA VAL A 222 14.01 -3.35 15.13
C VAL A 222 13.38 -3.82 16.44
N GLN A 223 12.84 -5.04 16.44
CA GLN A 223 12.23 -5.57 17.65
C GLN A 223 13.30 -5.84 18.70
N GLU A 224 14.48 -6.25 18.24
CA GLU A 224 15.60 -6.52 19.14
C GLU A 224 16.06 -5.22 19.79
N LEU A 225 16.18 -4.15 18.99
CA LEU A 225 16.61 -2.85 19.51
C LEU A 225 15.58 -2.35 20.52
N ALA A 226 14.31 -2.48 20.15
CA ALA A 226 13.20 -2.06 21.01
C ALA A 226 13.30 -2.70 22.40
N ARG A 227 13.61 -4.00 22.42
CA ARG A 227 13.73 -4.71 23.69
C ARG A 227 15.02 -4.35 24.42
N LYS A 228 16.10 -4.17 23.67
CA LYS A 228 17.37 -3.84 24.30
C LYS A 228 17.33 -2.53 25.08
N ILE A 229 16.81 -1.46 24.47
CA ILE A 229 16.74 -0.18 25.16
C ILE A 229 15.36 0.12 25.72
N LYS A 230 14.47 -0.86 25.68
CA LYS A 230 13.11 -0.71 26.18
C LYS A 230 12.38 0.48 25.56
N ALA A 231 12.41 0.54 24.24
CA ALA A 231 11.75 1.62 23.51
C ALA A 231 10.58 1.01 22.73
N PRO A 232 9.36 1.47 23.01
CA PRO A 232 8.19 0.94 22.31
C PRO A 232 8.32 1.21 20.81
N VAL A 233 7.53 0.52 20.01
CA VAL A 233 7.57 0.67 18.57
C VAL A 233 6.27 1.20 17.96
N ILE A 234 6.43 2.23 17.13
CA ILE A 234 5.32 2.81 16.40
C ILE A 234 5.66 2.51 14.93
N THR A 235 4.65 2.14 14.15
CA THR A 235 4.90 1.85 12.75
C THR A 235 4.03 2.78 11.90
N THR A 236 4.30 2.82 10.60
CA THR A 236 3.50 3.65 9.71
C THR A 236 2.43 2.74 9.12
N GLY A 237 1.37 3.33 8.56
CA GLY A 237 0.32 2.53 7.97
C GLY A 237 0.75 1.58 6.86
N LYS A 238 1.91 1.84 6.26
CA LYS A 238 2.41 1.00 5.17
C LYS A 238 3.37 -0.09 5.66
N ASN A 239 3.80 0.00 6.90
CA ASN A 239 4.82 -0.92 7.42
C ASN A 239 4.46 -1.98 8.47
N PHE A 240 3.19 -2.38 8.55
CA PHE A 240 2.80 -3.37 9.55
C PHE A 240 3.39 -4.76 9.37
N GLU A 241 3.52 -5.22 8.13
CA GLU A 241 4.05 -6.56 7.87
C GLU A 241 5.46 -6.76 8.40
N THR A 242 6.18 -5.66 8.62
CA THR A 242 7.55 -5.73 9.10
C THR A 242 7.67 -6.26 10.54
N PHE A 243 6.56 -6.25 11.26
CA PHE A 243 6.55 -6.71 12.65
C PHE A 243 5.63 -7.89 12.87
N GLU A 244 5.92 -8.68 13.91
CA GLU A 244 5.07 -9.81 14.24
C GLU A 244 3.84 -9.10 14.80
N TRP A 245 2.67 -9.42 14.29
CA TRP A 245 1.43 -8.77 14.72
C TRP A 245 1.26 -8.71 16.24
N ASP A 246 1.79 -9.71 16.95
CA ASP A 246 1.64 -9.76 18.40
C ASP A 246 2.86 -9.33 19.20
N PHE A 247 3.80 -8.63 18.56
CA PHE A 247 4.99 -8.16 19.27
C PHE A 247 4.55 -7.38 20.50
N GLU A 248 5.06 -7.77 21.67
CA GLU A 248 4.71 -7.15 22.94
C GLU A 248 4.80 -5.63 22.98
N ALA A 249 5.76 -5.06 22.25
CA ALA A 249 5.96 -3.61 22.27
C ALA A 249 5.47 -2.83 21.05
N LEU A 250 4.64 -3.46 20.22
CA LEU A 250 4.10 -2.79 19.04
C LEU A 250 2.86 -1.98 19.43
N THR A 251 2.94 -0.66 19.27
CA THR A 251 1.83 0.23 19.63
C THR A 251 0.94 0.54 18.44
N GLY A 252 1.34 0.09 17.25
CA GLY A 252 0.57 0.35 16.06
C GLY A 252 1.02 1.61 15.36
N SER A 253 0.11 2.26 14.63
CA SER A 253 0.42 3.50 13.92
C SER A 253 -0.36 4.67 14.47
N THR A 254 0.13 5.89 14.26
CA THR A 254 -0.56 7.08 14.75
C THR A 254 -1.60 7.59 13.78
N TYR A 255 -2.40 8.54 14.25
CA TYR A 255 -3.50 9.16 13.53
C TYR A 255 -4.67 8.21 13.24
N ARG A 256 -5.45 8.51 12.21
CA ARG A 256 -6.65 7.73 11.89
C ARG A 256 -6.50 6.24 11.56
N VAL A 257 -5.63 5.91 10.61
CA VAL A 257 -5.41 4.51 10.30
C VAL A 257 -4.30 4.08 11.24
N GLY A 258 -4.68 3.94 12.51
CA GLY A 258 -3.72 3.57 13.54
C GLY A 258 -4.40 2.93 14.74
N TRP A 259 -3.63 2.77 15.82
CA TRP A 259 -4.12 2.16 17.05
C TRP A 259 -4.13 3.21 18.16
N LYS A 260 -4.81 2.90 19.25
CA LYS A 260 -4.86 3.79 20.40
C LYS A 260 -3.47 3.97 21.03
N PRO A 261 -2.76 2.86 21.32
CA PRO A 261 -1.43 2.94 21.94
C PRO A 261 -0.47 3.92 21.26
N ALA A 262 -0.27 3.73 19.97
CA ALA A 262 0.62 4.59 19.20
C ALA A 262 0.28 6.07 19.35
N ASN A 263 -0.99 6.41 19.16
CA ASN A 263 -1.44 7.79 19.28
C ASN A 263 -1.17 8.41 20.64
N GLU A 264 -1.16 7.59 21.68
CA GLU A 264 -0.91 8.12 23.02
C GLU A 264 0.60 8.18 23.30
N THR A 265 1.32 7.14 22.90
CA THR A 265 2.76 7.07 23.10
C THR A 265 3.50 8.29 22.51
N ILE A 266 3.21 8.59 21.24
CA ILE A 266 3.88 9.69 20.57
C ILE A 266 3.76 11.05 21.27
N LEU A 267 2.64 11.28 21.95
CA LEU A 267 2.45 12.56 22.64
C LEU A 267 3.12 12.59 24.01
N GLU A 268 3.63 11.45 24.45
CA GLU A 268 4.28 11.32 25.76
C GLU A 268 5.78 11.03 25.62
N ALA A 269 6.24 10.79 24.40
CA ALA A 269 7.64 10.45 24.17
C ALA A 269 8.64 11.62 24.23
N ASP A 270 9.90 11.30 24.54
CA ASP A 270 10.95 12.32 24.62
C ASP A 270 11.84 12.32 23.38
N THR A 271 12.36 11.14 23.05
CA THR A 271 13.26 10.96 21.91
C THR A 271 12.68 9.98 20.89
N VAL A 272 12.62 10.42 19.64
CA VAL A 272 12.08 9.61 18.55
C VAL A 272 13.14 9.15 17.57
N LEU A 273 13.16 7.86 17.27
CA LEU A 273 14.09 7.32 16.29
C LEU A 273 13.22 7.10 15.05
N PHE A 274 13.17 8.13 14.21
CA PHE A 274 12.38 8.13 12.98
C PHE A 274 13.17 7.34 11.94
N ALA A 275 12.87 6.06 11.83
CA ALA A 275 13.61 5.19 10.91
C ALA A 275 12.90 4.82 9.59
N GLY A 276 13.47 5.29 8.49
CA GLY A 276 12.93 4.99 7.17
C GLY A 276 11.47 5.37 6.94
N SER A 277 11.13 6.62 7.23
CA SER A 277 9.75 7.08 7.07
C SER A 277 9.63 8.49 6.51
N ASN A 278 8.50 8.76 5.89
CA ASN A 278 8.22 10.08 5.36
C ASN A 278 6.76 10.36 5.68
N PHE A 279 6.38 9.97 6.90
CA PHE A 279 5.03 10.11 7.44
C PHE A 279 4.46 11.49 7.07
N PRO A 280 3.42 11.51 6.21
CA PRO A 280 2.77 12.73 5.73
C PRO A 280 1.94 13.56 6.70
N PHE A 281 1.47 12.97 7.78
CA PHE A 281 0.65 13.73 8.73
C PHE A 281 1.46 14.49 9.77
N SER A 282 2.77 14.20 9.80
CA SER A 282 3.70 14.81 10.75
C SER A 282 3.42 16.26 11.13
N GLU A 283 3.50 17.16 10.15
CA GLU A 283 3.28 18.57 10.42
C GLU A 283 1.82 18.97 10.65
N VAL A 284 0.94 18.63 9.71
CA VAL A 284 -0.45 19.03 9.81
C VAL A 284 -1.24 18.48 11.00
N GLU A 285 -0.82 17.36 11.56
CA GLU A 285 -1.51 16.80 12.71
C GLU A 285 -0.66 16.98 13.97
N GLY A 286 0.49 17.64 13.83
CA GLY A 286 1.37 17.89 14.96
C GLY A 286 1.81 16.66 15.71
N THR A 287 2.04 15.57 14.97
CA THR A 287 2.46 14.30 15.53
C THR A 287 3.58 14.39 16.56
N PHE A 288 4.59 15.21 16.26
CA PHE A 288 5.75 15.32 17.14
C PHE A 288 5.81 16.59 17.99
N ARG A 289 4.67 17.20 18.25
CA ARG A 289 4.62 18.44 19.01
C ARG A 289 5.20 18.40 20.43
N ASN A 290 5.18 17.24 21.08
CA ASN A 290 5.71 17.14 22.45
C ASN A 290 7.07 16.47 22.56
N VAL A 291 7.64 16.09 21.44
CA VAL A 291 8.94 15.43 21.42
C VAL A 291 10.10 16.38 21.71
N ASP A 292 11.08 15.90 22.48
CA ASP A 292 12.25 16.72 22.83
C ASP A 292 13.39 16.59 21.83
N ASN A 293 13.70 15.36 21.41
CA ASN A 293 14.78 15.12 20.45
C ASN A 293 14.30 14.27 19.28
N PHE A 294 14.89 14.49 18.11
CA PHE A 294 14.49 13.78 16.90
C PHE A 294 15.70 13.25 16.12
N ILE A 295 15.76 11.94 15.95
CA ILE A 295 16.84 11.27 15.22
C ILE A 295 16.26 10.65 13.96
N GLN A 296 16.82 10.99 12.81
CA GLN A 296 16.31 10.43 11.58
C GLN A 296 17.34 9.61 10.78
N ILE A 297 16.84 8.51 10.21
CA ILE A 297 17.61 7.59 9.38
C ILE A 297 16.91 7.50 8.04
N ASP A 298 17.65 7.71 6.96
CA ASP A 298 17.06 7.64 5.62
C ASP A 298 18.16 7.55 4.57
N ILE A 299 17.87 6.92 3.44
CA ILE A 299 18.85 6.79 2.36
C ILE A 299 18.72 7.97 1.40
N ASP A 300 17.63 8.74 1.56
CA ASP A 300 17.37 9.88 0.69
C ASP A 300 17.65 11.19 1.42
N PRO A 301 18.66 11.96 0.96
CA PRO A 301 19.05 13.24 1.55
C PRO A 301 17.91 14.26 1.60
N ALA A 302 17.06 14.23 0.58
CA ALA A 302 15.92 15.14 0.48
C ALA A 302 14.93 14.99 1.64
N MET A 303 14.97 13.85 2.32
CA MET A 303 14.07 13.57 3.43
C MET A 303 14.62 13.95 4.79
N LEU A 304 15.93 14.09 4.90
CA LEU A 304 16.56 14.42 6.17
C LEU A 304 16.19 15.80 6.71
N GLY A 305 15.44 15.80 7.81
CA GLY A 305 15.00 17.03 8.44
C GLY A 305 13.71 17.58 7.83
N LYS A 306 13.05 16.78 6.99
CA LYS A 306 11.82 17.23 6.33
C LYS A 306 10.58 17.29 7.21
N ARG A 307 10.32 16.21 7.96
CA ARG A 307 9.13 16.14 8.81
C ARG A 307 9.24 16.76 10.18
N HIS A 308 10.45 17.13 10.58
CA HIS A 308 10.66 17.74 11.88
C HIS A 308 12.16 18.07 12.00
N HIS A 309 12.51 19.04 12.83
CA HIS A 309 13.91 19.36 12.99
C HIS A 309 14.63 18.10 13.45
N ALA A 310 15.73 17.76 12.79
CA ALA A 310 16.48 16.56 13.16
C ALA A 310 17.71 16.93 14.00
N ASP A 311 17.76 16.42 15.22
CA ASP A 311 18.89 16.68 16.11
C ASP A 311 20.08 15.84 15.67
N VAL A 312 19.78 14.70 15.07
CA VAL A 312 20.77 13.77 14.55
C VAL A 312 20.23 13.25 13.22
N ALA A 313 21.06 13.29 12.18
CA ALA A 313 20.66 12.82 10.85
C ALA A 313 21.62 11.73 10.41
N ILE A 314 21.06 10.60 9.99
CA ILE A 314 21.85 9.46 9.56
C ILE A 314 21.53 9.10 8.12
N LEU A 315 22.48 9.32 7.21
CA LEU A 315 22.28 9.01 5.81
C LEU A 315 22.80 7.59 5.55
N GLY A 316 21.90 6.70 5.17
CA GLY A 316 22.30 5.33 4.90
C GLY A 316 21.18 4.34 5.11
N ASP A 317 21.46 3.09 4.77
CA ASP A 317 20.50 2.00 4.91
C ASP A 317 20.01 1.87 6.35
N ALA A 318 18.71 1.65 6.51
CA ALA A 318 18.12 1.50 7.84
C ALA A 318 18.62 0.25 8.54
N ALA A 319 18.81 -0.83 7.79
CA ALA A 319 19.29 -2.08 8.36
C ALA A 319 20.64 -1.89 9.03
N LEU A 320 21.58 -1.39 8.23
CA LEU A 320 22.92 -1.16 8.71
C LEU A 320 22.92 -0.21 9.90
N ALA A 321 22.13 0.86 9.80
CA ALA A 321 22.06 1.85 10.88
C ALA A 321 21.52 1.22 12.15
N ILE A 322 20.45 0.45 12.02
CA ILE A 322 19.85 -0.21 13.17
C ILE A 322 20.86 -1.18 13.80
N ASP A 323 21.59 -1.92 12.97
CA ASP A 323 22.58 -2.86 13.49
C ASP A 323 23.68 -2.13 14.25
N GLU A 324 24.22 -1.06 13.66
CA GLU A 324 25.27 -0.29 14.32
C GLU A 324 24.78 0.26 15.66
N ILE A 325 23.55 0.77 15.66
CA ILE A 325 22.95 1.33 16.87
C ILE A 325 22.76 0.24 17.93
N LEU A 326 22.16 -0.87 17.51
CA LEU A 326 21.90 -1.99 18.41
C LEU A 326 23.16 -2.42 19.15
N ASN A 327 24.25 -2.56 18.41
CA ASN A 327 25.52 -2.99 18.97
C ASN A 327 26.21 -1.99 19.88
N LYS A 328 26.05 -0.70 19.60
CA LYS A 328 26.71 0.32 20.41
C LYS A 328 25.91 0.85 21.59
N VAL A 329 24.58 0.77 21.51
CA VAL A 329 23.73 1.29 22.57
C VAL A 329 23.77 0.47 23.86
N ASP A 330 23.48 1.13 24.98
CA ASP A 330 23.44 0.49 26.29
C ASP A 330 22.15 -0.31 26.50
N ALA A 331 22.28 -1.50 27.07
CA ALA A 331 21.10 -2.31 27.33
C ALA A 331 20.36 -1.71 28.53
N VAL A 332 19.03 -1.75 28.48
CA VAL A 332 18.20 -1.23 29.56
C VAL A 332 17.50 -2.39 30.22
N GLU A 333 17.75 -2.58 31.51
CA GLU A 333 17.16 -3.69 32.25
C GLU A 333 15.66 -3.54 32.52
N GLU A 334 15.25 -2.38 33.02
CA GLU A 334 13.84 -2.14 33.29
C GLU A 334 13.53 -0.67 33.06
N SER A 335 12.28 -0.39 32.73
CA SER A 335 11.84 0.98 32.46
C SER A 335 10.37 1.13 32.80
N ALA A 336 10.04 2.13 33.61
CA ALA A 336 8.65 2.39 33.97
C ALA A 336 7.92 2.73 32.67
N TRP A 337 8.63 3.44 31.81
CA TRP A 337 8.13 3.87 30.50
C TRP A 337 7.69 2.68 29.66
N TRP A 338 8.57 1.68 29.58
CA TRP A 338 8.32 0.47 28.82
C TRP A 338 7.15 -0.31 29.41
N THR A 339 7.18 -0.49 30.73
CA THR A 339 6.14 -1.21 31.44
C THR A 339 4.74 -0.62 31.22
N ALA A 340 4.64 0.70 31.29
CA ALA A 340 3.36 1.38 31.11
C ALA A 340 2.85 1.19 29.68
N ASN A 341 3.76 1.27 28.72
CA ASN A 341 3.40 1.09 27.32
C ASN A 341 2.91 -0.34 27.05
N LEU A 342 3.62 -1.33 27.58
CA LEU A 342 3.22 -2.71 27.37
C LEU A 342 1.80 -2.97 27.87
N LYS A 343 1.49 -2.42 29.05
CA LYS A 343 0.16 -2.59 29.63
C LYS A 343 -0.91 -1.87 28.81
N ASN A 344 -0.57 -0.70 28.26
CA ASN A 344 -1.50 0.07 27.45
C ASN A 344 -1.77 -0.72 26.16
N ILE A 345 -0.74 -1.37 25.63
CA ILE A 345 -0.90 -2.16 24.41
C ILE A 345 -1.78 -3.37 24.72
N ALA A 346 -1.50 -4.02 25.84
CA ALA A 346 -2.25 -5.19 26.27
C ALA A 346 -3.74 -4.85 26.44
N ASN A 347 -4.02 -3.67 26.97
CA ASN A 347 -5.40 -3.21 27.15
C ASN A 347 -6.09 -3.09 25.80
N TRP A 348 -5.37 -2.56 24.82
CA TRP A 348 -5.88 -2.39 23.46
C TRP A 348 -6.15 -3.73 22.78
N ARG A 349 -5.24 -4.68 22.98
CA ARG A 349 -5.41 -6.00 22.38
C ARG A 349 -6.61 -6.74 22.98
N GLU A 350 -6.93 -6.47 24.25
CA GLU A 350 -8.08 -7.11 24.89
C GLU A 350 -9.33 -6.63 24.17
N TYR A 351 -9.37 -5.33 23.91
CA TYR A 351 -10.48 -4.68 23.22
C TYR A 351 -10.66 -5.26 21.82
N ILE A 352 -9.58 -5.26 21.05
CA ILE A 352 -9.59 -5.77 19.69
C ILE A 352 -9.98 -7.25 19.61
N ASN A 353 -9.41 -8.07 20.49
CA ASN A 353 -9.71 -9.51 20.49
C ASN A 353 -11.16 -9.82 20.79
N MET A 354 -11.74 -9.09 21.74
CA MET A 354 -13.13 -9.35 22.11
C MET A 354 -14.08 -8.98 20.97
N LEU A 355 -13.71 -7.99 20.16
CA LEU A 355 -14.54 -7.59 19.02
C LEU A 355 -14.49 -8.68 17.96
N GLU A 356 -13.28 -9.17 17.70
CA GLU A 356 -13.02 -10.19 16.69
C GLU A 356 -13.59 -11.56 17.01
N THR A 357 -13.64 -11.89 18.29
CA THR A 357 -14.12 -13.20 18.72
C THR A 357 -15.57 -13.29 19.20
N LYS A 358 -16.41 -12.32 18.85
CA LYS A 358 -17.81 -12.38 19.25
C LYS A 358 -18.34 -13.66 18.62
N GLU A 359 -19.40 -14.23 19.18
CA GLU A 359 -19.93 -15.48 18.64
C GLU A 359 -21.23 -15.41 17.86
N GLU A 360 -22.04 -14.40 18.13
CA GLU A 360 -23.32 -14.25 17.44
C GLU A 360 -23.69 -12.79 17.27
N GLY A 361 -24.55 -12.53 16.30
CA GLY A 361 -24.98 -11.16 16.07
C GLY A 361 -24.83 -10.69 14.64
N ASP A 362 -25.10 -9.41 14.42
CA ASP A 362 -24.98 -8.82 13.10
C ASP A 362 -23.50 -8.68 12.80
N LEU A 363 -23.12 -9.10 11.61
CA LEU A 363 -21.72 -9.07 11.18
C LEU A 363 -21.10 -7.68 11.18
N GLN A 364 -19.86 -7.58 11.64
CA GLN A 364 -19.10 -6.34 11.68
C GLN A 364 -17.77 -6.62 11.01
N PHE A 365 -16.99 -5.58 10.71
CA PHE A 365 -15.68 -5.75 10.09
C PHE A 365 -14.89 -6.81 10.86
N TYR A 366 -14.81 -6.58 12.17
CA TYR A 366 -14.05 -7.42 13.10
C TYR A 366 -14.09 -8.94 12.92
N GLN A 367 -15.29 -9.51 12.79
CA GLN A 367 -15.40 -10.96 12.65
C GLN A 367 -14.98 -11.47 11.27
N VAL A 368 -15.04 -10.60 10.26
CA VAL A 368 -14.62 -11.01 8.93
C VAL A 368 -13.11 -11.19 8.98
N TYR A 369 -12.42 -10.24 9.62
CA TYR A 369 -10.98 -10.33 9.75
C TYR A 369 -10.60 -11.52 10.64
N ASN A 370 -11.41 -11.76 11.67
CA ASN A 370 -11.16 -12.89 12.56
C ASN A 370 -11.11 -14.15 11.71
N ALA A 371 -12.10 -14.31 10.84
CA ALA A 371 -12.18 -15.47 9.96
C ALA A 371 -10.99 -15.53 9.00
N ILE A 372 -10.60 -14.39 8.45
CA ILE A 372 -9.46 -14.38 7.54
C ILE A 372 -8.24 -14.88 8.30
N ASN A 373 -8.10 -14.44 9.56
CA ASN A 373 -6.97 -14.85 10.39
C ASN A 373 -6.93 -16.35 10.64
N ASN A 374 -8.10 -16.95 10.83
CA ASN A 374 -8.18 -18.38 11.11
C ASN A 374 -8.07 -19.28 9.89
N HIS A 375 -8.21 -18.73 8.68
CA HIS A 375 -8.15 -19.54 7.48
C HIS A 375 -7.06 -19.23 6.46
N ALA A 376 -6.45 -18.06 6.56
CA ALA A 376 -5.43 -17.65 5.59
C ALA A 376 -4.09 -18.39 5.72
N ASP A 377 -3.38 -18.48 4.60
CA ASP A 377 -2.06 -19.10 4.57
C ASP A 377 -1.13 -18.14 5.33
N GLU A 378 -0.05 -18.66 5.89
CA GLU A 378 0.87 -17.82 6.64
C GLU A 378 1.64 -16.83 5.79
N ASP A 379 1.68 -17.06 4.49
CA ASP A 379 2.42 -16.16 3.58
C ASP A 379 1.47 -15.43 2.64
N ALA A 380 0.21 -15.35 3.03
CA ALA A 380 -0.80 -14.69 2.21
C ALA A 380 -0.44 -13.25 1.87
N ILE A 381 -0.91 -12.81 0.72
CA ILE A 381 -0.69 -11.47 0.22
C ILE A 381 -2.01 -10.72 0.34
N TYR A 382 -1.96 -9.49 0.86
CA TYR A 382 -3.17 -8.69 1.02
C TYR A 382 -3.09 -7.40 0.20
N SER A 383 -4.06 -7.24 -0.70
CA SER A 383 -4.17 -6.06 -1.56
C SER A 383 -5.31 -5.29 -0.94
N ILE A 384 -4.99 -4.17 -0.30
CA ILE A 384 -5.95 -3.36 0.43
C ILE A 384 -6.48 -2.15 -0.31
N ASP A 385 -7.80 -1.98 -0.36
CA ASP A 385 -8.33 -0.81 -1.03
C ASP A 385 -8.39 0.37 -0.06
N VAL A 386 -8.93 1.49 -0.53
CA VAL A 386 -8.99 2.73 0.25
C VAL A 386 -10.30 3.04 0.95
N GLY A 387 -10.23 3.23 2.26
CA GLY A 387 -11.41 3.53 3.04
C GLY A 387 -11.35 2.86 4.41
N ASN A 388 -12.50 2.49 4.95
CA ASN A 388 -12.52 1.83 6.25
C ASN A 388 -11.71 0.54 6.21
N SER A 389 -11.59 -0.07 5.05
CA SER A 389 -10.81 -1.31 4.91
C SER A 389 -9.35 -1.08 5.31
N THR A 390 -8.81 0.08 4.98
CA THR A 390 -7.42 0.40 5.30
C THR A 390 -7.26 0.54 6.80
N GLN A 391 -8.16 1.32 7.39
CA GLN A 391 -8.18 1.58 8.83
C GLN A 391 -8.30 0.31 9.65
N THR A 392 -9.25 -0.54 9.27
CA THR A 392 -9.51 -1.78 10.00
C THR A 392 -8.51 -2.92 9.76
N SER A 393 -8.05 -3.07 8.52
CA SER A 393 -7.12 -4.15 8.20
C SER A 393 -5.83 -4.12 9.04
N ILE A 394 -5.27 -2.94 9.28
CA ILE A 394 -4.02 -2.89 10.05
C ILE A 394 -4.25 -3.08 11.55
N ARG A 395 -5.51 -3.09 11.97
CA ARG A 395 -5.84 -3.31 13.38
C ARG A 395 -6.23 -4.77 13.60
N HIS A 396 -6.91 -5.35 12.62
CA HIS A 396 -7.43 -6.70 12.76
C HIS A 396 -6.78 -7.87 12.03
N LEU A 397 -5.90 -7.58 11.08
CA LEU A 397 -5.20 -8.67 10.40
C LEU A 397 -4.02 -9.04 11.29
N HIS A 398 -3.66 -10.31 11.31
CA HIS A 398 -2.54 -10.78 12.12
C HIS A 398 -1.37 -11.16 11.21
N MET A 399 -0.70 -10.14 10.69
CA MET A 399 0.42 -10.33 9.77
C MET A 399 1.80 -10.47 10.42
N THR A 400 2.74 -10.93 9.60
CA THR A 400 4.14 -11.10 9.96
C THR A 400 4.89 -10.82 8.67
N PRO A 401 6.23 -10.73 8.72
CA PRO A 401 7.00 -10.46 7.50
C PRO A 401 6.76 -11.46 6.38
N LYS A 402 6.17 -12.61 6.71
CA LYS A 402 5.88 -13.60 5.68
C LYS A 402 4.78 -13.10 4.75
N ASN A 403 4.01 -12.13 5.23
CA ASN A 403 2.92 -11.54 4.46
C ASN A 403 3.41 -10.32 3.70
N MET A 404 2.54 -9.78 2.86
CA MET A 404 2.77 -8.55 2.13
C MET A 404 1.42 -7.83 2.16
N TRP A 405 1.47 -6.54 2.44
CA TRP A 405 0.28 -5.70 2.53
C TRP A 405 0.61 -4.48 1.71
N ARG A 406 -0.24 -4.16 0.73
CA ARG A 406 -0.03 -2.98 -0.12
C ARG A 406 -1.37 -2.34 -0.47
N THR A 407 -1.34 -1.05 -0.71
CA THR A 407 -2.55 -0.31 -1.05
C THR A 407 -2.12 0.87 -1.92
N SER A 408 -2.90 1.94 -1.89
CA SER A 408 -2.58 3.18 -2.58
C SER A 408 -2.59 4.07 -1.35
N PRO A 409 -1.44 4.14 -0.64
CA PRO A 409 -1.19 4.89 0.59
C PRO A 409 -1.11 6.42 0.61
N LEU A 410 -0.62 7.01 -0.48
CA LEU A 410 -0.44 8.46 -0.52
C LEU A 410 -1.41 9.16 -1.48
N PHE A 411 -1.45 8.72 -2.73
CA PHE A 411 -2.39 9.30 -3.69
C PHE A 411 -3.75 8.79 -3.22
N ALA A 412 -3.76 7.59 -2.66
CA ALA A 412 -4.95 6.97 -2.12
C ALA A 412 -6.14 6.82 -3.06
N THR A 413 -5.92 6.27 -4.24
CA THR A 413 -7.02 6.09 -5.17
C THR A 413 -7.82 4.83 -4.83
N MET A 414 -9.15 4.95 -4.83
CA MET A 414 -9.98 3.79 -4.57
C MET A 414 -9.86 2.90 -5.80
N GLY A 415 -10.15 1.61 -5.63
CA GLY A 415 -10.08 0.67 -6.74
C GLY A 415 -8.72 0.06 -6.98
N ILE A 416 -7.81 0.27 -6.04
CA ILE A 416 -6.45 -0.25 -6.16
C ILE A 416 -6.37 -1.76 -5.84
N ALA A 417 -7.33 -2.25 -5.05
CA ALA A 417 -7.36 -3.65 -4.63
C ALA A 417 -7.38 -4.72 -5.72
N ILE A 418 -8.39 -4.70 -6.59
CA ILE A 418 -8.47 -5.70 -7.65
C ILE A 418 -7.20 -5.67 -8.50
N PRO A 419 -6.72 -4.47 -8.89
CA PRO A 419 -5.50 -4.41 -9.69
C PRO A 419 -4.34 -4.99 -8.89
N GLY A 420 -4.34 -4.72 -7.58
CA GLY A 420 -3.29 -5.23 -6.72
C GLY A 420 -3.26 -6.75 -6.76
N GLY A 421 -4.44 -7.37 -6.72
CA GLY A 421 -4.52 -8.81 -6.76
C GLY A 421 -4.01 -9.39 -8.08
N LEU A 422 -4.25 -8.68 -9.17
CA LEU A 422 -3.81 -9.12 -10.48
C LEU A 422 -2.29 -9.12 -10.55
N GLY A 423 -1.68 -8.01 -10.12
CA GLY A 423 -0.23 -7.92 -10.13
C GLY A 423 0.40 -8.95 -9.20
N ALA A 424 -0.24 -9.17 -8.05
CA ALA A 424 0.28 -10.12 -7.07
C ALA A 424 0.23 -11.55 -7.59
N LYS A 425 -0.94 -11.98 -8.06
CA LYS A 425 -1.12 -13.32 -8.57
C LYS A 425 -0.27 -13.56 -9.83
N ASN A 426 -0.04 -12.52 -10.62
CA ASN A 426 0.78 -12.67 -11.82
C ASN A 426 2.21 -12.97 -11.40
N THR A 427 2.63 -12.36 -10.29
CA THR A 427 3.97 -12.53 -9.77
C THR A 427 4.13 -13.84 -8.99
N TYR A 428 3.11 -14.19 -8.21
CA TYR A 428 3.13 -15.41 -7.39
C TYR A 428 1.87 -16.22 -7.68
N PRO A 429 1.84 -16.95 -8.80
CA PRO A 429 0.69 -17.76 -9.18
C PRO A 429 0.21 -18.83 -8.18
N ASP A 430 1.12 -19.35 -7.36
CA ASP A 430 0.72 -20.38 -6.40
C ASP A 430 0.52 -19.82 -4.98
N ARG A 431 0.53 -18.50 -4.87
CA ARG A 431 0.38 -17.85 -3.56
C ARG A 431 -1.05 -17.35 -3.33
N GLN A 432 -1.53 -17.49 -2.10
CA GLN A 432 -2.88 -17.05 -1.76
C GLN A 432 -2.94 -15.53 -1.75
N VAL A 433 -3.87 -14.98 -2.53
CA VAL A 433 -4.02 -13.53 -2.64
C VAL A 433 -5.41 -13.06 -2.20
N TRP A 434 -5.43 -12.04 -1.33
CA TRP A 434 -6.69 -11.47 -0.85
C TRP A 434 -6.84 -10.00 -1.28
N ASN A 435 -8.04 -9.64 -1.69
CA ASN A 435 -8.35 -8.26 -2.04
C ASN A 435 -9.39 -7.84 -0.99
N ILE A 436 -9.04 -6.88 -0.15
CA ILE A 436 -9.95 -6.40 0.90
C ILE A 436 -10.50 -5.08 0.36
N ILE A 437 -11.80 -5.07 0.08
CA ILE A 437 -12.44 -3.93 -0.57
C ILE A 437 -13.73 -3.40 0.07
N GLY A 438 -13.91 -2.08 0.00
CA GLY A 438 -15.14 -1.47 0.50
C GLY A 438 -16.09 -1.52 -0.67
N ASP A 439 -17.40 -1.50 -0.44
CA ASP A 439 -18.32 -1.56 -1.57
C ASP A 439 -18.22 -0.38 -2.54
N GLY A 440 -17.86 0.79 -2.02
CA GLY A 440 -17.72 1.94 -2.91
C GLY A 440 -16.60 1.74 -3.92
N ALA A 441 -15.45 1.25 -3.46
CA ALA A 441 -14.30 1.01 -4.32
C ALA A 441 -14.56 -0.19 -5.23
N PHE A 442 -15.22 -1.20 -4.69
CA PHE A 442 -15.54 -2.38 -5.46
C PHE A 442 -16.39 -1.93 -6.65
N SER A 443 -17.29 -0.98 -6.39
CA SER A 443 -18.18 -0.47 -7.44
C SER A 443 -17.44 0.25 -8.56
N MET A 444 -16.20 0.67 -8.30
CA MET A 444 -15.42 1.37 -9.32
C MET A 444 -14.60 0.37 -10.13
N THR A 445 -14.61 -0.89 -9.70
CA THR A 445 -13.78 -1.89 -10.37
C THR A 445 -14.30 -3.33 -10.50
N TYR A 446 -15.48 -3.67 -10.00
CA TYR A 446 -15.89 -5.06 -10.10
C TYR A 446 -16.03 -5.66 -11.49
N PRO A 447 -16.12 -4.83 -12.54
CA PRO A 447 -16.24 -5.50 -13.84
C PRO A 447 -14.96 -6.27 -14.17
N ASP A 448 -13.86 -5.94 -13.51
CA ASP A 448 -12.58 -6.61 -13.77
C ASP A 448 -12.39 -7.91 -13.00
N VAL A 449 -13.39 -8.29 -12.22
CA VAL A 449 -13.33 -9.56 -11.51
C VAL A 449 -13.20 -10.65 -12.58
N VAL A 450 -13.83 -10.42 -13.73
CA VAL A 450 -13.80 -11.39 -14.82
C VAL A 450 -12.38 -11.60 -15.34
N THR A 451 -11.52 -10.60 -15.16
CA THR A 451 -10.14 -10.69 -15.61
C THR A 451 -9.40 -11.81 -14.88
N ASN A 452 -9.63 -11.90 -13.57
CA ASN A 452 -9.00 -12.95 -12.76
C ASN A 452 -9.54 -14.29 -13.22
N VAL A 453 -10.84 -14.33 -13.48
CA VAL A 453 -11.52 -15.54 -13.95
C VAL A 453 -10.94 -15.98 -15.29
N ARG A 454 -11.02 -15.09 -16.27
CA ARG A 454 -10.52 -15.34 -17.61
C ARG A 454 -9.05 -15.81 -17.66
N TYR A 455 -8.18 -15.17 -16.88
CA TYR A 455 -6.77 -15.54 -16.88
C TYR A 455 -6.36 -16.57 -15.84
N ASN A 456 -7.34 -17.21 -15.23
CA ASN A 456 -7.07 -18.23 -14.22
C ASN A 456 -6.02 -17.77 -13.21
N MET A 457 -6.34 -16.67 -12.52
CA MET A 457 -5.49 -16.08 -11.49
C MET A 457 -6.45 -15.94 -10.31
N PRO A 458 -6.72 -17.07 -9.62
CA PRO A 458 -7.63 -17.13 -8.47
C PRO A 458 -7.28 -16.21 -7.32
N VAL A 459 -8.22 -15.35 -6.94
CA VAL A 459 -8.04 -14.44 -5.82
C VAL A 459 -9.31 -14.45 -4.97
N ILE A 460 -9.19 -13.96 -3.73
CA ILE A 460 -10.33 -13.90 -2.85
C ILE A 460 -10.70 -12.45 -2.59
N ASN A 461 -11.83 -12.02 -3.14
CA ASN A 461 -12.30 -10.66 -2.94
C ASN A 461 -13.19 -10.63 -1.70
N VAL A 462 -12.84 -9.77 -0.73
CA VAL A 462 -13.63 -9.63 0.48
C VAL A 462 -14.24 -8.24 0.37
N VAL A 463 -15.56 -8.19 0.19
CA VAL A 463 -16.25 -6.92 0.03
C VAL A 463 -17.08 -6.54 1.24
N PHE A 464 -16.76 -5.37 1.80
CA PHE A 464 -17.47 -4.87 2.97
C PHE A 464 -18.63 -3.98 2.54
N SER A 465 -19.82 -4.55 2.54
CA SER A 465 -21.01 -3.80 2.14
C SER A 465 -21.71 -3.11 3.30
N ASN A 466 -21.46 -1.82 3.47
CA ASN A 466 -22.09 -1.04 4.51
C ASN A 466 -23.01 -0.01 3.87
N THR A 467 -23.13 -0.10 2.55
CA THR A 467 -23.95 0.81 1.73
C THR A 467 -23.69 2.29 1.97
N GLU A 468 -22.42 2.64 2.17
CA GLU A 468 -22.03 4.03 2.40
C GLU A 468 -20.58 4.19 1.98
N TYR A 469 -20.14 5.44 1.85
CA TYR A 469 -18.75 5.73 1.55
C TYR A 469 -18.33 6.11 2.98
N ALA A 470 -18.37 5.11 3.85
CA ALA A 470 -18.08 5.23 5.27
C ALA A 470 -16.90 6.08 5.74
N PHE A 471 -15.72 5.84 5.18
CA PHE A 471 -14.54 6.59 5.60
C PHE A 471 -14.80 8.09 5.61
N ILE A 472 -15.67 8.54 4.70
CA ILE A 472 -16.02 9.96 4.60
C ILE A 472 -17.18 10.33 5.51
N LYS A 473 -18.26 9.57 5.42
CA LYS A 473 -19.46 9.79 6.24
C LYS A 473 -19.09 9.77 7.72
N ASN A 474 -18.26 8.80 8.12
CA ASN A 474 -17.83 8.68 9.50
C ASN A 474 -17.21 10.01 9.94
N LYS A 475 -16.28 10.51 9.15
CA LYS A 475 -15.60 11.77 9.43
C LYS A 475 -16.57 12.95 9.31
N TYR A 476 -17.61 12.78 8.49
CA TYR A 476 -18.62 13.81 8.30
C TYR A 476 -19.30 14.16 9.61
N GLU A 477 -19.45 13.16 10.49
CA GLU A 477 -20.09 13.37 11.78
C GLU A 477 -19.29 14.38 12.60
N ASP A 478 -18.00 14.46 12.33
CA ASP A 478 -17.12 15.36 13.05
C ASP A 478 -16.96 16.70 12.34
N THR A 479 -16.29 16.67 11.19
CA THR A 479 -16.04 17.86 10.40
C THR A 479 -17.29 18.52 9.83
N ASN A 480 -18.29 17.71 9.48
CA ASN A 480 -19.52 18.25 8.92
C ASN A 480 -20.63 18.42 9.94
N LYS A 481 -21.28 19.57 9.90
CA LYS A 481 -22.37 19.88 10.80
C LYS A 481 -23.66 19.43 10.13
N ASN A 482 -23.53 18.38 9.32
CA ASN A 482 -24.66 17.80 8.60
C ASN A 482 -24.25 16.42 8.09
N LEU A 483 -24.13 16.27 6.77
CA LEU A 483 -23.76 15.00 6.14
C LEU A 483 -24.11 15.10 4.65
N PHE A 484 -25.10 14.31 4.24
CA PHE A 484 -25.59 14.32 2.86
C PHE A 484 -24.74 13.62 1.80
N GLY A 485 -25.44 12.94 0.88
CA GLY A 485 -24.81 12.25 -0.22
C GLY A 485 -23.66 11.31 0.05
N VAL A 486 -23.84 10.37 0.98
CA VAL A 486 -22.78 9.41 1.30
C VAL A 486 -23.29 7.98 1.39
N ASP A 487 -24.56 7.78 1.05
CA ASP A 487 -25.16 6.46 1.09
C ASP A 487 -25.68 6.05 -0.28
N PHE A 488 -25.83 4.75 -0.49
CA PHE A 488 -26.34 4.23 -1.75
C PHE A 488 -27.10 2.93 -1.51
N THR A 489 -27.69 2.37 -2.57
CA THR A 489 -28.45 1.14 -2.41
C THR A 489 -27.52 -0.06 -2.46
N ASP A 490 -27.91 -1.12 -1.79
CA ASP A 490 -27.10 -2.33 -1.75
C ASP A 490 -27.40 -3.18 -2.97
N VAL A 491 -26.36 -3.77 -3.55
CA VAL A 491 -26.54 -4.64 -4.70
C VAL A 491 -25.97 -6.01 -4.35
N ASP A 492 -26.48 -7.02 -5.04
CA ASP A 492 -26.06 -8.40 -4.82
C ASP A 492 -24.72 -8.70 -5.50
N TYR A 493 -23.61 -8.34 -4.86
CA TYR A 493 -22.30 -8.59 -5.45
C TYR A 493 -22.00 -10.06 -5.67
N ALA A 494 -22.54 -10.93 -4.83
CA ALA A 494 -22.32 -12.36 -4.98
C ALA A 494 -22.91 -12.81 -6.31
N LYS A 495 -24.08 -12.29 -6.63
CA LYS A 495 -24.77 -12.63 -7.87
C LYS A 495 -24.02 -12.07 -9.08
N ILE A 496 -23.39 -10.91 -8.90
CA ILE A 496 -22.63 -10.30 -9.98
C ILE A 496 -21.43 -11.19 -10.27
N ALA A 497 -20.78 -11.67 -9.21
CA ALA A 497 -19.62 -12.55 -9.35
C ALA A 497 -19.98 -13.82 -10.10
N GLU A 498 -21.15 -14.39 -9.81
CA GLU A 498 -21.59 -15.59 -10.48
C GLU A 498 -21.78 -15.33 -11.97
N ALA A 499 -22.33 -14.16 -12.29
CA ALA A 499 -22.58 -13.80 -13.68
C ALA A 499 -21.26 -13.64 -14.44
N GLN A 500 -20.18 -13.40 -13.70
CA GLN A 500 -18.86 -13.22 -14.28
C GLN A 500 -18.02 -14.50 -14.33
N GLY A 501 -18.56 -15.61 -13.83
CA GLY A 501 -17.82 -16.85 -13.84
C GLY A 501 -17.05 -17.07 -12.55
N ALA A 502 -17.33 -16.22 -11.58
CA ALA A 502 -16.68 -16.30 -10.29
C ALA A 502 -17.65 -16.94 -9.30
N LYS A 503 -17.16 -17.28 -8.13
CA LYS A 503 -18.00 -17.89 -7.10
C LYS A 503 -18.37 -16.83 -6.07
N GLY A 504 -19.67 -16.65 -5.85
CA GLY A 504 -20.12 -15.65 -4.91
C GLY A 504 -20.69 -16.20 -3.62
N PHE A 505 -20.46 -15.46 -2.53
CA PHE A 505 -20.96 -15.81 -1.22
C PHE A 505 -21.56 -14.56 -0.61
N THR A 506 -22.53 -14.76 0.27
CA THR A 506 -23.18 -13.66 0.96
C THR A 506 -23.23 -14.05 2.43
N VAL A 507 -22.87 -13.13 3.31
CA VAL A 507 -22.88 -13.40 4.74
C VAL A 507 -23.26 -12.13 5.49
N SER A 508 -24.10 -12.27 6.50
CA SER A 508 -24.56 -11.10 7.27
C SER A 508 -24.59 -11.36 8.77
N ARG A 509 -24.28 -12.57 9.18
CA ARG A 509 -24.30 -12.94 10.59
C ARG A 509 -22.96 -13.50 11.06
N ILE A 510 -22.57 -13.09 12.26
CA ILE A 510 -21.31 -13.52 12.86
C ILE A 510 -21.22 -15.04 12.98
N GLU A 511 -22.34 -15.68 13.34
CA GLU A 511 -22.34 -17.13 13.50
C GLU A 511 -22.21 -17.93 12.21
N ASP A 512 -22.19 -17.25 11.06
CA ASP A 512 -22.05 -17.94 9.78
C ASP A 512 -20.70 -17.64 9.13
N MET A 513 -20.03 -16.61 9.62
CA MET A 513 -18.77 -16.16 9.06
C MET A 513 -17.65 -17.20 8.93
N ASP A 514 -17.46 -18.00 9.96
CA ASP A 514 -16.39 -19.00 9.90
C ASP A 514 -16.64 -20.04 8.81
N ARG A 515 -17.87 -20.51 8.70
CA ARG A 515 -18.21 -21.50 7.68
C ARG A 515 -18.11 -20.90 6.28
N VAL A 516 -18.62 -19.68 6.11
CA VAL A 516 -18.57 -19.02 4.81
C VAL A 516 -17.12 -18.84 4.35
N MET A 517 -16.25 -18.41 5.27
CA MET A 517 -14.84 -18.21 4.92
C MET A 517 -14.21 -19.55 4.55
N ALA A 518 -14.53 -20.59 5.30
CA ALA A 518 -14.00 -21.93 5.04
C ALA A 518 -14.36 -22.34 3.61
N GLU A 519 -15.63 -22.20 3.27
CA GLU A 519 -16.11 -22.55 1.94
C GLU A 519 -15.52 -21.65 0.85
N ALA A 520 -15.29 -20.38 1.18
CA ALA A 520 -14.71 -19.46 0.19
C ALA A 520 -13.27 -19.85 -0.12
N VAL A 521 -12.50 -20.17 0.91
CA VAL A 521 -11.11 -20.56 0.73
C VAL A 521 -10.99 -21.89 -0.01
N ALA A 522 -11.85 -22.84 0.32
CA ALA A 522 -11.85 -24.14 -0.34
C ALA A 522 -12.11 -23.94 -1.82
N ALA A 523 -12.99 -23.00 -2.15
CA ALA A 523 -13.32 -22.70 -3.54
C ALA A 523 -12.10 -22.09 -4.23
N ASN A 524 -11.40 -21.20 -3.52
CA ASN A 524 -10.22 -20.54 -4.08
C ASN A 524 -9.17 -21.61 -4.40
N LYS A 525 -9.06 -22.60 -3.52
CA LYS A 525 -8.10 -23.69 -3.72
C LYS A 525 -8.56 -24.62 -4.84
N ALA A 526 -9.81 -24.46 -5.27
CA ALA A 526 -10.34 -25.26 -6.36
C ALA A 526 -10.08 -24.50 -7.66
N GLY A 527 -9.30 -23.43 -7.56
CA GLY A 527 -8.96 -22.63 -8.72
C GLY A 527 -9.93 -21.52 -9.09
N HIS A 528 -10.92 -21.27 -8.25
CA HIS A 528 -11.93 -20.24 -8.54
C HIS A 528 -11.65 -18.89 -7.89
N THR A 529 -12.08 -17.82 -8.57
CA THR A 529 -11.96 -16.48 -8.04
C THR A 529 -13.23 -16.37 -7.19
N VAL A 530 -13.08 -15.80 -6.00
CA VAL A 530 -14.20 -15.68 -5.08
C VAL A 530 -14.56 -14.26 -4.69
N VAL A 531 -15.85 -14.03 -4.46
CA VAL A 531 -16.33 -12.74 -4.01
C VAL A 531 -17.20 -13.00 -2.78
N ILE A 532 -16.73 -12.55 -1.62
CA ILE A 532 -17.48 -12.72 -0.38
C ILE A 532 -18.17 -11.40 -0.09
N ASP A 533 -19.48 -11.35 -0.29
CA ASP A 533 -20.25 -10.14 -0.03
C ASP A 533 -20.60 -10.06 1.44
N CYS A 534 -19.82 -9.28 2.19
CA CYS A 534 -20.05 -9.15 3.62
C CYS A 534 -21.00 -8.00 3.97
N LYS A 535 -22.25 -8.35 4.26
CA LYS A 535 -23.24 -7.36 4.62
C LYS A 535 -23.02 -7.03 6.09
N ILE A 536 -22.24 -5.99 6.33
CA ILE A 536 -21.90 -5.56 7.68
C ILE A 536 -22.77 -4.42 8.20
N THR A 537 -22.61 -4.10 9.47
CA THR A 537 -23.35 -3.01 10.10
C THR A 537 -22.69 -1.70 9.69
N GLN A 538 -23.26 -0.59 10.13
CA GLN A 538 -22.69 0.72 9.82
C GLN A 538 -21.92 1.24 11.02
N ASP A 539 -21.57 0.34 11.92
CA ASP A 539 -20.81 0.71 13.10
C ASP A 539 -19.50 1.35 12.65
N ARG A 540 -19.22 2.54 13.16
CA ARG A 540 -18.00 3.24 12.81
C ARG A 540 -16.84 2.69 13.64
N PRO A 541 -15.71 2.38 12.98
CA PRO A 541 -14.56 1.85 13.73
C PRO A 541 -14.10 2.91 14.73
N ILE A 542 -13.56 2.48 15.87
CA ILE A 542 -13.14 3.44 16.89
C ILE A 542 -12.15 4.47 16.33
N PRO A 543 -12.46 5.76 16.47
CA PRO A 543 -11.61 6.86 15.99
C PRO A 543 -10.52 7.22 16.99
N VAL A 544 -9.38 6.56 16.87
CA VAL A 544 -8.26 6.78 17.78
C VAL A 544 -7.54 8.10 17.60
N GLU A 545 -7.93 8.90 16.60
CA GLU A 545 -7.29 10.19 16.41
C GLU A 545 -8.00 11.20 17.32
N THR A 546 -9.10 10.75 17.92
CA THR A 546 -9.87 11.55 18.87
C THR A 546 -10.30 10.62 20.01
N LEU A 547 -9.34 10.27 20.86
CA LEU A 547 -9.58 9.38 22.00
C LEU A 547 -10.25 10.13 23.14
N LYS A 548 -11.53 9.88 23.36
CA LYS A 548 -12.24 10.54 24.44
C LYS A 548 -12.36 9.56 25.61
N LEU A 549 -11.25 9.41 26.33
CA LEU A 549 -11.18 8.49 27.46
C LEU A 549 -10.56 9.09 28.72
N ASP A 550 -9.65 10.06 28.57
CA ASP A 550 -9.00 10.67 29.72
C ASP A 550 -9.88 11.76 30.35
N SER A 551 -10.27 11.56 31.61
CA SER A 551 -11.14 12.51 32.30
C SER A 551 -10.59 13.92 32.44
N LYS A 552 -9.28 14.09 32.20
CA LYS A 552 -8.67 15.41 32.29
C LYS A 552 -8.63 16.07 30.93
N LEU A 553 -9.21 15.41 29.93
CA LEU A 553 -9.24 15.94 28.58
C LEU A 553 -10.68 16.02 28.06
N TYR A 554 -11.53 15.16 28.58
CA TYR A 554 -12.92 15.15 28.15
C TYR A 554 -13.89 15.01 29.32
N SER A 555 -15.12 15.46 29.12
CA SER A 555 -16.13 15.39 30.18
C SER A 555 -16.59 13.94 30.35
N GLU A 556 -17.14 13.62 31.52
CA GLU A 556 -17.60 12.28 31.77
C GLU A 556 -18.65 11.89 30.74
N ASP A 557 -19.54 12.83 30.42
CA ASP A 557 -20.59 12.57 29.44
C ASP A 557 -19.99 12.13 28.11
N GLU A 558 -18.96 12.85 27.67
CA GLU A 558 -18.29 12.51 26.41
C GLU A 558 -17.68 11.12 26.46
N ILE A 559 -16.96 10.82 27.54
CA ILE A 559 -16.32 9.52 27.70
C ILE A 559 -17.34 8.39 27.67
N LYS A 560 -18.44 8.58 28.39
CA LYS A 560 -19.50 7.57 28.44
C LYS A 560 -20.04 7.27 27.04
N ALA A 561 -20.37 8.33 26.31
CA ALA A 561 -20.89 8.19 24.95
C ALA A 561 -19.89 7.53 24.01
N TYR A 562 -18.62 7.89 24.15
CA TYR A 562 -17.55 7.33 23.34
C TYR A 562 -17.43 5.83 23.62
N LYS A 563 -17.37 5.48 24.90
CA LYS A 563 -17.27 4.08 25.28
C LYS A 563 -18.46 3.29 24.75
N GLU A 564 -19.65 3.87 24.91
CA GLU A 564 -20.88 3.24 24.45
C GLU A 564 -20.88 2.99 22.95
N ARG A 565 -20.62 4.03 22.17
CA ARG A 565 -20.63 3.91 20.72
C ARG A 565 -19.60 2.96 20.14
N TYR A 566 -18.40 2.94 20.71
CA TYR A 566 -17.34 2.09 20.19
C TYR A 566 -17.06 0.82 21.00
N GLU A 567 -17.99 0.44 21.86
CA GLU A 567 -17.85 -0.78 22.68
C GLU A 567 -16.51 -0.79 23.41
N ALA A 568 -16.03 0.39 23.78
CA ALA A 568 -14.73 0.52 24.44
C ALA A 568 -14.79 0.75 25.95
N ALA A 569 -15.81 0.19 26.60
CA ALA A 569 -15.95 0.37 28.04
C ALA A 569 -14.68 0.04 28.81
N ASN A 570 -13.94 -0.98 28.36
CA ASN A 570 -12.73 -1.39 29.06
C ASN A 570 -11.41 -0.72 28.65
N LEU A 571 -11.46 0.21 27.70
CA LEU A 571 -10.23 0.89 27.30
C LEU A 571 -9.87 1.90 28.39
N VAL A 572 -8.59 1.91 28.77
CA VAL A 572 -8.08 2.79 29.81
C VAL A 572 -7.12 3.83 29.21
N PRO A 573 -7.31 5.11 29.55
CA PRO A 573 -6.41 6.13 29.00
C PRO A 573 -4.96 5.89 29.44
N PHE A 574 -4.02 6.11 28.52
CA PHE A 574 -2.60 5.89 28.79
C PHE A 574 -2.06 6.54 30.07
N ARG A 575 -2.53 7.74 30.37
CA ARG A 575 -2.06 8.43 31.57
C ARG A 575 -2.25 7.60 32.85
N GLU A 576 -3.27 6.74 32.87
CA GLU A 576 -3.49 5.89 34.04
C GLU A 576 -2.36 4.88 34.17
N TYR A 577 -1.94 4.29 33.05
CA TYR A 577 -0.86 3.32 33.06
C TYR A 577 0.46 3.99 33.39
N LEU A 578 0.63 5.23 32.94
CA LEU A 578 1.85 5.97 33.23
C LEU A 578 1.92 6.24 34.74
N GLU A 579 0.86 6.79 35.29
CA GLU A 579 0.82 7.12 36.70
C GLU A 579 1.00 5.90 37.60
N ALA A 580 0.45 4.77 37.19
CA ALA A 580 0.57 3.54 37.97
C ALA A 580 2.05 3.14 38.09
N GLU A 581 2.85 3.52 37.09
CA GLU A 581 4.27 3.20 37.11
C GLU A 581 5.08 4.35 37.69
N GLY A 582 4.38 5.29 38.33
CA GLY A 582 5.06 6.42 38.95
C GLY A 582 5.48 7.55 38.01
N LEU A 583 4.93 7.58 36.81
CA LEU A 583 5.27 8.62 35.84
C LEU A 583 4.10 9.61 35.70
N GLU A 584 4.38 10.78 35.16
CA GLU A 584 3.35 11.79 34.97
C GLU A 584 3.27 12.16 33.50
N SER A 585 2.07 12.48 33.03
CA SER A 585 1.90 12.88 31.65
C SER A 585 2.70 14.15 31.45
N LYS A 586 3.33 14.29 30.29
CA LYS A 586 4.13 15.49 30.04
C LYS A 586 3.33 16.60 29.38
N TYR A 587 2.04 16.37 29.12
CA TYR A 587 1.21 17.40 28.48
C TYR A 587 -0.20 17.48 29.04
N ILE A 588 -0.67 16.42 29.69
CA ILE A 588 -2.01 16.43 30.27
C ILE A 588 -1.88 16.85 31.73
N LYS A 589 -2.40 18.03 32.06
CA LYS A 589 -2.31 18.54 33.43
C LYS A 589 -3.65 18.84 34.07
#